data_5KTR
#
_entry.id   5KTR
#
_cell.length_a   47.256
_cell.length_b   52.605
_cell.length_c   55.510
_cell.angle_alpha   90.00
_cell.angle_beta   111.70
_cell.angle_gamma   90.00
#
_symmetry.space_group_name_H-M   'P 1 21 1'
#
loop_
_entity.id
_entity.type
_entity.pdbx_description
1 polymer 'Quinolinate synthase A'
2 non-polymer 'IRON/SULFUR CLUSTER'
3 non-polymer 'MALEIC ACID'
4 non-polymer 'CHLORIDE ION'
5 non-polymer 'AMMONIUM ION'
6 water water
#
_entity_poly.entity_id   1
_entity_poly.type   'polypeptide(L)'
_entity_poly.pdbx_seq_one_letter_code
;GSFTMDLVEEILRLKEERNAIILAHNYQLPEVQDIADFIGDSLELARRATRVDADVIVFAGVDFMAETAKILNPDKVVLI
PSREATCAMANMLKVEHILEAKRKYPNAPVVLYVNSTAEAKAYADVTVTSANAVEVVKKLDSDVVIFGPDKNLAHYVAKM
TGKKIIPVPSKGHCYVHQKFTLDDVERAKKLHPNAKLMIHPECIPEVQEKADIIASTGGMIKRACEWDEWVVFTEREMVY
RLRKLYPQKKFYPAREDAFCIGMKAITLKNIYESLKDMKYKVEVPEEIARKARKAIERMLEMSK
;
_entity_poly.pdbx_strand_id   A
#
loop_
_chem_comp.id
_chem_comp.type
_chem_comp.name
_chem_comp.formula
CL non-polymer 'CHLORIDE ION' 'Cl -1'
MAE non-polymer 'MALEIC ACID' 'C4 H4 O4'
NH4 non-polymer 'AMMONIUM ION' 'H4 N 1'
SF4 non-polymer 'IRON/SULFUR CLUSTER' 'Fe4 S4'
#
# COMPACT_ATOMS: atom_id res chain seq x y z
N GLY A 1 37.46 14.56 -14.47
CA GLY A 1 37.86 13.59 -13.47
C GLY A 1 37.88 12.17 -13.99
N SER A 2 38.48 11.26 -13.20
CA SER A 2 38.60 9.87 -13.63
C SER A 2 37.32 9.08 -13.37
N PHE A 3 36.53 9.46 -12.37
CA PHE A 3 35.39 8.64 -11.98
C PHE A 3 34.29 8.69 -13.03
N THR A 4 33.51 7.60 -13.09
CA THR A 4 32.38 7.44 -14.00
C THR A 4 31.08 7.57 -13.21
N MET A 5 29.99 7.02 -13.75
CA MET A 5 28.70 7.09 -13.09
C MET A 5 28.56 5.97 -12.05
N ASP A 6 27.94 6.30 -10.91
CA ASP A 6 27.48 5.29 -9.96
C ASP A 6 26.08 4.80 -10.38
N LEU A 7 25.46 3.94 -9.57
CA LEU A 7 24.13 3.46 -9.91
C LEU A 7 23.13 4.60 -9.99
N VAL A 8 23.22 5.57 -9.08
CA VAL A 8 22.29 6.69 -9.08
C VAL A 8 22.39 7.45 -10.40
N GLU A 9 23.61 7.74 -10.83
CA GLU A 9 23.78 8.47 -12.08
C GLU A 9 23.34 7.63 -13.28
N GLU A 10 23.59 6.32 -13.25
CA GLU A 10 23.10 5.45 -14.32
C GLU A 10 21.58 5.47 -14.39
N ILE A 11 20.92 5.40 -13.23
CA ILE A 11 19.47 5.40 -13.18
C ILE A 11 18.93 6.72 -13.73
N LEU A 12 19.54 7.84 -13.31
CA LEU A 12 19.07 9.13 -13.78
C LEU A 12 19.18 9.23 -15.30
N ARG A 13 20.28 8.74 -15.87
CA ARG A 13 20.42 8.78 -17.33
C ARG A 13 19.40 7.88 -18.00
N LEU A 14 19.19 6.67 -17.48
CA LEU A 14 18.24 5.76 -18.08
C LEU A 14 16.81 6.26 -17.95
N LYS A 15 16.48 6.92 -16.82
CA LYS A 15 15.15 7.49 -16.68
C LYS A 15 14.88 8.47 -17.81
N GLU A 16 15.88 9.29 -18.16
CA GLU A 16 15.76 10.21 -19.28
C GLU A 16 15.65 9.46 -20.60
N GLU A 17 16.52 8.48 -20.83
CA GLU A 17 16.53 7.77 -22.11
C GLU A 17 15.23 7.01 -22.34
N ARG A 18 14.64 6.46 -21.28
CA ARG A 18 13.42 5.67 -21.37
C ARG A 18 12.15 6.51 -21.27
N ASN A 19 12.26 7.81 -21.00
CA ASN A 19 11.11 8.65 -20.70
C ASN A 19 10.28 8.02 -19.60
N ALA A 20 10.94 7.73 -18.48
CA ALA A 20 10.37 6.93 -17.41
C ALA A 20 10.13 7.78 -16.17
N ILE A 21 9.18 7.33 -15.35
CA ILE A 21 8.98 7.84 -14.00
C ILE A 21 9.15 6.67 -13.04
N ILE A 22 9.72 6.95 -11.87
CA ILE A 22 9.86 5.95 -10.81
C ILE A 22 8.87 6.30 -9.71
N LEU A 23 7.90 5.41 -9.50
CA LEU A 23 6.93 5.56 -8.42
C LEU A 23 7.35 4.63 -7.29
N ALA A 24 7.38 5.14 -6.06
CA ALA A 24 7.83 4.33 -4.94
C ALA A 24 6.81 4.37 -3.81
N HIS A 25 6.71 3.25 -3.10
CA HIS A 25 5.95 3.19 -1.88
C HIS A 25 6.80 3.68 -0.70
N ASN A 26 6.10 4.16 0.34
CA ASN A 26 6.71 4.65 1.57
C ASN A 26 7.58 3.62 2.31
N TYR A 27 7.43 2.32 2.02
CA TYR A 27 8.25 1.30 2.69
C TYR A 27 9.51 0.95 1.93
N GLN A 28 9.79 1.61 0.81
CA GLN A 28 11.00 1.33 0.07
C GLN A 28 12.25 1.73 0.86
N LEU A 29 13.37 1.07 0.54
CA LEU A 29 14.64 1.43 1.17
C LEU A 29 14.92 2.92 1.01
N PRO A 30 15.60 3.54 1.98
CA PRO A 30 15.89 4.99 1.86
C PRO A 30 16.59 5.35 0.57
N GLU A 31 17.59 4.59 0.14
N GLU A 31 17.59 4.58 0.14
CA GLU A 31 18.29 4.94 -1.09
CA GLU A 31 18.30 4.88 -1.09
C GLU A 31 17.42 4.79 -2.33
C GLU A 31 17.40 4.81 -2.31
N VAL A 32 16.36 3.97 -2.26
CA VAL A 32 15.39 3.90 -3.35
C VAL A 32 14.43 5.09 -3.28
N GLN A 33 13.89 5.39 -2.09
CA GLN A 33 13.11 6.60 -1.94
C GLN A 33 13.85 7.81 -2.51
N ASP A 34 15.17 7.87 -2.27
CA ASP A 34 15.95 9.03 -2.68
C ASP A 34 16.05 9.21 -4.19
N ILE A 35 15.78 8.17 -4.99
CA ILE A 35 15.81 8.30 -6.45
C ILE A 35 14.42 8.29 -7.08
N ALA A 36 13.37 8.15 -6.28
CA ALA A 36 12.03 8.08 -6.84
C ALA A 36 11.53 9.47 -7.22
N ASP A 37 10.69 9.52 -8.25
CA ASP A 37 10.07 10.77 -8.64
C ASP A 37 8.85 11.10 -7.79
N PHE A 38 8.15 10.08 -7.30
CA PHE A 38 6.96 10.26 -6.49
C PHE A 38 6.97 9.13 -5.47
N ILE A 39 6.62 9.46 -4.22
CA ILE A 39 6.54 8.49 -3.13
C ILE A 39 5.18 8.65 -2.46
N GLY A 40 4.51 7.53 -2.17
CA GLY A 40 3.24 7.67 -1.49
C GLY A 40 2.71 6.36 -0.97
N ASP A 41 1.48 6.42 -0.41
CA ASP A 41 0.74 5.25 0.05
C ASP A 41 -0.03 4.65 -1.11
N SER A 42 -0.84 3.62 -0.83
N SER A 42 -0.83 3.61 -0.83
CA SER A 42 -1.47 2.89 -1.93
CA SER A 42 -1.49 2.89 -1.91
C SER A 42 -2.48 3.76 -2.69
C SER A 42 -2.45 3.78 -2.68
N LEU A 43 -3.25 4.58 -1.97
CA LEU A 43 -4.22 5.45 -2.64
C LEU A 43 -3.53 6.52 -3.46
N GLU A 44 -2.48 7.13 -2.89
CA GLU A 44 -1.76 8.19 -3.59
C GLU A 44 -1.08 7.64 -4.82
N LEU A 45 -0.55 6.43 -4.75
CA LEU A 45 0.09 5.82 -5.91
C LEU A 45 -0.94 5.52 -7.00
N ALA A 46 -2.14 5.05 -6.61
CA ALA A 46 -3.18 4.80 -7.60
C ALA A 46 -3.60 6.10 -8.27
N ARG A 47 -3.83 7.14 -7.48
CA ARG A 47 -4.23 8.43 -8.04
C ARG A 47 -3.12 9.00 -8.93
N ARG A 48 -1.88 8.89 -8.50
CA ARG A 48 -0.76 9.40 -9.29
C ARG A 48 -0.65 8.68 -10.63
N ALA A 49 -1.02 7.40 -10.66
CA ALA A 49 -1.01 6.62 -11.88
C ALA A 49 -2.08 7.05 -12.89
N THR A 50 -2.96 7.99 -12.54
CA THR A 50 -3.92 8.53 -13.49
C THR A 50 -3.46 9.83 -14.13
N ARG A 51 -2.26 10.30 -13.78
CA ARG A 51 -1.72 11.50 -14.42
C ARG A 51 -0.28 11.25 -14.88
N VAL A 52 -0.02 10.07 -15.43
CA VAL A 52 1.32 9.74 -15.91
C VAL A 52 1.51 10.29 -17.31
N ASP A 53 2.45 11.22 -17.45
CA ASP A 53 2.84 11.68 -18.77
C ASP A 53 3.98 10.87 -19.37
N ALA A 54 4.76 10.20 -18.54
CA ALA A 54 5.88 9.38 -19.02
C ALA A 54 5.38 8.17 -19.82
N ASP A 55 6.29 7.61 -20.60
CA ASP A 55 5.99 6.38 -21.36
C ASP A 55 6.17 5.12 -20.55
N VAL A 56 7.02 5.16 -19.52
CA VAL A 56 7.42 3.98 -18.77
C VAL A 56 7.26 4.29 -17.29
N ILE A 57 6.65 3.38 -16.55
CA ILE A 57 6.52 3.47 -15.10
C ILE A 57 7.39 2.37 -14.51
N VAL A 58 8.41 2.74 -13.74
CA VAL A 58 9.15 1.78 -12.92
C VAL A 58 8.53 1.79 -11.53
N PHE A 59 8.02 0.65 -11.10
CA PHE A 59 7.28 0.59 -9.83
C PHE A 59 8.14 0.01 -8.72
N ALA A 60 8.64 0.89 -7.85
CA ALA A 60 9.38 0.47 -6.66
C ALA A 60 8.37 0.18 -5.56
N GLY A 61 7.83 -1.04 -5.62
CA GLY A 61 6.80 -1.49 -4.72
C GLY A 61 6.50 -2.94 -5.01
N VAL A 62 5.39 -3.43 -4.47
CA VAL A 62 5.04 -4.83 -4.68
C VAL A 62 4.20 -5.04 -5.92
N ASP A 63 4.07 -6.29 -6.35
CA ASP A 63 3.48 -6.58 -7.66
C ASP A 63 2.05 -6.08 -7.78
N PHE A 64 1.24 -6.21 -6.70
N PHE A 64 1.26 -6.17 -6.71
CA PHE A 64 -0.15 -5.75 -6.77
CA PHE A 64 -0.13 -5.77 -6.87
C PHE A 64 -0.21 -4.26 -7.07
C PHE A 64 -0.31 -4.25 -6.89
N MET A 65 0.73 -3.49 -6.52
CA MET A 65 0.76 -2.06 -6.78
C MET A 65 1.14 -1.77 -8.22
N ALA A 66 2.12 -2.51 -8.74
CA ALA A 66 2.48 -2.35 -10.15
C ALA A 66 1.32 -2.74 -11.06
N GLU A 67 0.59 -3.80 -10.69
CA GLU A 67 -0.56 -4.21 -11.49
C GLU A 67 -1.65 -3.16 -11.48
N THR A 68 -1.88 -2.51 -10.33
CA THR A 68 -2.82 -1.39 -10.29
C THR A 68 -2.41 -0.29 -11.25
N ALA A 69 -1.12 0.06 -11.27
CA ALA A 69 -0.65 1.06 -12.23
C ALA A 69 -0.87 0.60 -13.67
N LYS A 70 -0.67 -0.69 -13.94
CA LYS A 70 -0.88 -1.18 -15.30
C LYS A 70 -2.36 -1.17 -15.68
N ILE A 71 -3.24 -1.51 -14.73
CA ILE A 71 -4.67 -1.46 -15.00
C ILE A 71 -5.11 -0.05 -15.35
N LEU A 72 -4.48 0.96 -14.75
CA LEU A 72 -4.78 2.35 -15.06
C LEU A 72 -4.02 2.87 -16.28
N ASN A 73 -3.06 2.12 -16.79
CA ASN A 73 -2.22 2.56 -17.93
C ASN A 73 -1.96 1.38 -18.83
N PRO A 74 -3.01 0.83 -19.47
CA PRO A 74 -2.83 -0.41 -20.24
C PRO A 74 -1.86 -0.27 -21.37
N ASP A 75 -1.68 0.93 -21.91
CA ASP A 75 -0.86 1.14 -23.08
C ASP A 75 0.47 1.82 -22.78
N LYS A 76 0.85 1.89 -21.51
N LYS A 76 0.87 1.87 -21.50
CA LYS A 76 2.21 2.26 -21.12
CA LYS A 76 2.20 2.27 -21.10
C LYS A 76 2.94 1.00 -20.69
C LYS A 76 2.93 1.05 -20.55
N VAL A 77 4.26 1.08 -20.63
CA VAL A 77 5.07 0.00 -20.10
C VAL A 77 5.19 0.20 -18.61
N VAL A 78 4.79 -0.81 -17.83
CA VAL A 78 4.96 -0.81 -16.39
C VAL A 78 5.94 -1.92 -16.03
N LEU A 79 7.00 -1.56 -15.30
CA LEU A 79 8.06 -2.51 -14.96
C LEU A 79 8.08 -2.75 -13.46
N ILE A 80 8.19 -4.01 -13.07
N ILE A 80 8.16 -4.00 -13.05
CA ILE A 80 8.44 -4.38 -11.68
CA ILE A 80 8.45 -4.34 -11.67
C ILE A 80 9.87 -4.90 -11.58
C ILE A 80 9.88 -4.86 -11.60
N PRO A 81 10.74 -4.29 -10.75
CA PRO A 81 12.17 -4.68 -10.80
C PRO A 81 12.44 -6.11 -10.38
N SER A 82 11.60 -6.70 -9.55
CA SER A 82 11.72 -8.10 -9.16
C SER A 82 10.33 -8.70 -9.08
N ARG A 83 10.14 -9.88 -9.69
CA ARG A 83 8.85 -10.54 -9.53
C ARG A 83 8.66 -11.17 -8.16
N GLU A 84 9.69 -11.16 -7.31
CA GLU A 84 9.54 -11.60 -5.93
C GLU A 84 9.12 -10.46 -4.99
N ALA A 85 8.90 -9.26 -5.50
CA ALA A 85 8.34 -8.18 -4.70
C ALA A 85 6.84 -8.42 -4.63
N THR A 86 6.38 -9.11 -3.59
N THR A 86 6.40 -9.10 -3.57
CA THR A 86 4.98 -9.48 -3.51
CA THR A 86 5.04 -9.59 -3.46
C THR A 86 4.48 -9.36 -2.08
C THR A 86 4.49 -9.25 -2.09
N CYS A 87 3.16 -9.35 -1.95
CA CYS A 87 2.48 -9.04 -0.71
C CYS A 87 1.82 -10.30 -0.16
N ALA A 88 2.24 -10.69 1.06
CA ALA A 88 1.70 -11.89 1.67
C ALA A 88 0.22 -11.72 2.01
N MET A 89 -0.19 -10.53 2.47
CA MET A 89 -1.60 -10.33 2.81
C MET A 89 -2.49 -10.48 1.58
N ALA A 90 -2.09 -9.88 0.45
CA ALA A 90 -2.90 -9.89 -0.76
C ALA A 90 -3.04 -11.31 -1.31
N ASN A 91 -1.99 -12.11 -1.20
CA ASN A 91 -2.05 -13.47 -1.69
C ASN A 91 -3.03 -14.34 -0.89
N MET A 92 -3.45 -13.91 0.31
CA MET A 92 -4.37 -14.72 1.11
C MET A 92 -5.77 -14.79 0.51
N LEU A 93 -6.15 -13.85 -0.36
CA LEU A 93 -7.50 -13.76 -0.90
C LEU A 93 -7.58 -14.39 -2.28
N LYS A 94 -8.45 -15.39 -2.42
CA LYS A 94 -8.63 -16.11 -3.67
C LYS A 94 -10.05 -15.90 -4.18
N VAL A 95 -10.23 -16.08 -5.49
CA VAL A 95 -11.56 -15.96 -6.08
C VAL A 95 -12.58 -16.83 -5.38
N GLU A 96 -12.19 -18.04 -4.97
CA GLU A 96 -13.12 -18.95 -4.32
C GLU A 96 -13.74 -18.32 -3.07
N HIS A 97 -12.95 -17.55 -2.32
CA HIS A 97 -13.47 -16.86 -1.14
C HIS A 97 -14.53 -15.84 -1.53
N ILE A 98 -14.25 -15.07 -2.60
CA ILE A 98 -15.19 -14.04 -3.04
C ILE A 98 -16.49 -14.65 -3.50
N LEU A 99 -16.40 -15.74 -4.29
CA LEU A 99 -17.61 -16.35 -4.85
C LEU A 99 -18.50 -16.91 -3.75
N GLU A 100 -17.90 -17.51 -2.72
N GLU A 100 -17.88 -17.52 -2.73
CA GLU A 100 -18.70 -18.07 -1.63
CA GLU A 100 -18.65 -18.07 -1.61
C GLU A 100 -19.39 -16.97 -0.84
C GLU A 100 -19.39 -16.96 -0.87
N ALA A 101 -18.70 -15.85 -0.60
CA ALA A 101 -19.32 -14.73 0.10
C ALA A 101 -20.44 -14.10 -0.73
N LYS A 102 -20.22 -13.96 -2.04
N LYS A 102 -20.23 -13.95 -2.03
CA LYS A 102 -21.27 -13.43 -2.90
CA LYS A 102 -21.25 -13.40 -2.91
C LYS A 102 -22.50 -14.32 -2.91
C LYS A 102 -22.49 -14.29 -2.93
N ARG A 103 -22.31 -15.64 -2.79
CA ARG A 103 -23.48 -16.53 -2.73
C ARG A 103 -24.29 -16.26 -1.48
N LYS A 104 -23.62 -16.16 -0.33
CA LYS A 104 -24.32 -15.90 0.92
C LYS A 104 -24.98 -14.53 0.89
N TYR A 105 -24.30 -13.54 0.31
CA TYR A 105 -24.74 -12.14 0.39
C TYR A 105 -24.76 -11.51 -1.01
N PRO A 106 -25.69 -11.94 -1.87
CA PRO A 106 -25.71 -11.41 -3.25
C PRO A 106 -25.96 -9.91 -3.32
N ASN A 107 -26.61 -9.31 -2.33
CA ASN A 107 -26.85 -7.88 -2.32
C ASN A 107 -25.75 -7.07 -1.62
N ALA A 108 -24.69 -7.73 -1.14
CA ALA A 108 -23.60 -7.01 -0.48
C ALA A 108 -22.57 -6.56 -1.52
N PRO A 109 -22.20 -5.28 -1.55
CA PRO A 109 -21.08 -4.87 -2.39
C PRO A 109 -19.81 -5.62 -2.00
N VAL A 110 -18.98 -5.91 -2.99
CA VAL A 110 -17.68 -6.55 -2.77
C VAL A 110 -16.62 -5.46 -2.78
N VAL A 111 -15.97 -5.27 -1.63
CA VAL A 111 -15.07 -4.15 -1.38
C VAL A 111 -13.70 -4.75 -1.11
N LEU A 112 -12.77 -4.59 -2.04
CA LEU A 112 -11.48 -5.25 -1.96
C LEU A 112 -10.35 -4.24 -1.82
N TYR A 113 -9.63 -4.44 -0.71
N TYR A 113 -9.24 -4.64 -1.18
CA TYR A 113 -8.41 -3.74 -0.43
CA TYR A 113 -8.02 -3.82 -1.25
C TYR A 113 -7.52 -3.86 -1.65
C TYR A 113 -7.58 -3.60 -2.71
N VAL A 114 -6.82 -2.77 -1.97
N VAL A 114 -7.18 -2.36 -3.02
CA VAL A 114 -5.92 -2.78 -3.11
CA VAL A 114 -6.80 -2.01 -4.40
C VAL A 114 -4.85 -3.84 -2.94
C VAL A 114 -5.59 -2.82 -4.87
N ASN A 115 -4.55 -4.25 -1.70
N ASN A 115 -4.75 -3.28 -3.97
CA ASN A 115 -3.69 -5.40 -1.45
CA ASN A 115 -3.59 -4.08 -4.33
C ASN A 115 -4.45 -6.65 -1.86
C ASN A 115 -3.76 -5.54 -3.95
N SER A 116 -4.51 -6.89 -3.17
N SER A 116 -4.99 -6.04 -4.07
CA SER A 116 -5.23 -8.02 -3.72
CA SER A 116 -5.23 -7.46 -4.12
C SER A 116 -4.75 -8.21 -5.16
C SER A 116 -4.72 -8.00 -5.45
N THR A 117 -4.92 -9.44 -5.65
N THR A 117 -4.91 -9.29 -5.70
CA THR A 117 -4.50 -9.71 -7.02
CA THR A 117 -4.57 -9.80 -7.02
C THR A 117 -5.44 -9.04 -8.01
C THR A 117 -5.52 -9.18 -8.05
N ALA A 118 -5.00 -8.96 -9.26
CA ALA A 118 -5.84 -8.40 -10.32
C ALA A 118 -7.06 -9.29 -10.56
N GLU A 119 -6.88 -10.61 -10.46
CA GLU A 119 -7.99 -11.53 -10.63
C GLU A 119 -9.06 -11.29 -9.58
N ALA A 120 -8.67 -11.09 -8.33
CA ALA A 120 -9.64 -10.81 -7.28
C ALA A 120 -10.35 -9.48 -7.52
N LYS A 121 -9.59 -8.44 -7.94
N LYS A 121 -9.59 -8.45 -7.93
CA LYS A 121 -10.19 -7.12 -8.17
CA LYS A 121 -10.18 -7.13 -8.17
C LYS A 121 -11.25 -7.17 -9.26
C LYS A 121 -11.23 -7.16 -9.27
N ALA A 122 -11.14 -8.12 -10.19
CA ALA A 122 -12.14 -8.24 -11.24
C ALA A 122 -13.53 -8.50 -10.66
N TYR A 123 -13.60 -8.98 -9.42
CA TYR A 123 -14.87 -9.25 -8.74
C TYR A 123 -15.30 -8.13 -7.80
N ALA A 124 -14.50 -7.10 -7.62
CA ALA A 124 -14.84 -6.03 -6.71
C ALA A 124 -15.84 -5.07 -7.35
N ASP A 125 -16.77 -4.58 -6.54
CA ASP A 125 -17.57 -3.44 -6.97
C ASP A 125 -16.78 -2.16 -6.84
N VAL A 126 -15.93 -2.09 -5.82
CA VAL A 126 -15.08 -0.93 -5.57
C VAL A 126 -13.86 -1.42 -4.80
N THR A 127 -12.72 -0.77 -5.05
CA THR A 127 -11.54 -1.06 -4.26
C THR A 127 -11.40 0.00 -3.18
N VAL A 128 -10.58 -0.31 -2.17
CA VAL A 128 -10.29 0.61 -1.08
C VAL A 128 -8.83 0.47 -0.69
N THR A 129 -8.35 1.45 0.05
CA THR A 129 -7.06 1.37 0.73
C THR A 129 -7.30 1.71 2.19
N SER A 130 -6.23 1.66 2.98
CA SER A 130 -6.37 2.03 4.39
C SER A 130 -6.78 3.49 4.57
N ALA A 131 -6.51 4.35 3.58
CA ALA A 131 -6.85 5.77 3.70
C ALA A 131 -8.32 6.06 3.48
N ASN A 132 -9.02 5.28 2.65
CA ASN A 132 -10.39 5.61 2.27
C ASN A 132 -11.40 4.52 2.56
N ALA A 133 -11.01 3.43 3.21
CA ALA A 133 -11.93 2.31 3.38
C ALA A 133 -13.17 2.71 4.16
N VAL A 134 -13.01 3.49 5.23
CA VAL A 134 -14.15 3.93 6.03
C VAL A 134 -15.09 4.79 5.18
N GLU A 135 -14.55 5.78 4.50
CA GLU A 135 -15.37 6.68 3.69
C GLU A 135 -16.13 5.92 2.61
N VAL A 136 -15.45 5.04 1.89
CA VAL A 136 -16.09 4.30 0.82
C VAL A 136 -17.21 3.41 1.37
N VAL A 137 -16.90 2.65 2.41
CA VAL A 137 -17.89 1.72 2.96
C VAL A 137 -19.10 2.47 3.50
N LYS A 138 -18.86 3.61 4.16
CA LYS A 138 -19.96 4.45 4.64
C LYS A 138 -20.92 4.82 3.51
N LYS A 139 -20.40 5.14 2.33
CA LYS A 139 -21.19 5.65 1.23
C LYS A 139 -21.87 4.56 0.42
N LEU A 140 -21.41 3.31 0.50
CA LEU A 140 -22.04 2.26 -0.28
C LEU A 140 -23.47 2.03 0.20
N ASP A 141 -24.35 1.70 -0.76
CA ASP A 141 -25.78 1.59 -0.49
C ASP A 141 -26.12 0.16 -0.02
N SER A 142 -25.66 -0.14 1.19
CA SER A 142 -25.90 -1.44 1.82
C SER A 142 -25.41 -1.35 3.25
N ASP A 143 -26.10 -2.05 4.15
CA ASP A 143 -25.66 -2.20 5.54
C ASP A 143 -24.71 -3.37 5.73
N VAL A 144 -24.50 -4.17 4.68
CA VAL A 144 -23.63 -5.34 4.69
C VAL A 144 -22.65 -5.22 3.53
N VAL A 145 -21.36 -5.40 3.80
CA VAL A 145 -20.38 -5.41 2.74
C VAL A 145 -19.45 -6.60 2.89
N ILE A 146 -19.03 -7.15 1.76
CA ILE A 146 -17.98 -8.16 1.72
C ILE A 146 -16.65 -7.43 1.60
N PHE A 147 -15.67 -7.77 2.44
CA PHE A 147 -14.48 -6.94 2.56
C PHE A 147 -13.24 -7.80 2.82
N GLY A 148 -12.17 -7.50 2.10
CA GLY A 148 -10.90 -8.16 2.41
C GLY A 148 -9.77 -7.61 1.57
N PRO A 149 -8.57 -8.17 1.72
CA PRO A 149 -8.27 -9.36 2.54
C PRO A 149 -8.03 -9.13 4.04
N ASP A 150 -7.77 -7.90 4.48
CA ASP A 150 -7.18 -7.70 5.79
C ASP A 150 -8.24 -7.62 6.88
N LYS A 151 -8.22 -8.59 7.81
CA LYS A 151 -9.23 -8.64 8.85
C LYS A 151 -9.06 -7.54 9.90
N ASN A 152 -7.85 -7.01 10.06
CA ASN A 152 -7.62 -5.94 11.03
C ASN A 152 -8.15 -4.61 10.49
N LEU A 153 -7.92 -4.32 9.21
CA LEU A 153 -8.58 -3.18 8.58
C LEU A 153 -10.10 -3.38 8.60
N ALA A 154 -10.56 -4.61 8.37
CA ALA A 154 -12.00 -4.86 8.42
C ALA A 154 -12.57 -4.51 9.77
N HIS A 155 -11.84 -4.83 10.84
CA HIS A 155 -12.31 -4.51 12.19
C HIS A 155 -12.45 -3.00 12.34
N TYR A 156 -11.45 -2.25 11.89
CA TYR A 156 -11.49 -0.80 11.98
C TYR A 156 -12.67 -0.24 11.19
N VAL A 157 -12.87 -0.76 9.98
CA VAL A 157 -14.00 -0.32 9.15
C VAL A 157 -15.34 -0.62 9.84
N ALA A 158 -15.49 -1.83 10.39
CA ALA A 158 -16.74 -2.16 11.09
C ALA A 158 -16.99 -1.21 12.25
N LYS A 159 -15.94 -0.89 13.01
CA LYS A 159 -16.07 0.00 14.15
C LYS A 159 -16.51 1.39 13.71
N MET A 160 -15.88 1.92 12.66
CA MET A 160 -16.10 3.30 12.28
C MET A 160 -17.37 3.52 11.48
N THR A 161 -17.86 2.50 10.76
CA THR A 161 -19.06 2.65 9.94
C THR A 161 -20.31 2.07 10.58
N GLY A 162 -20.16 1.16 11.56
CA GLY A 162 -21.30 0.48 12.12
C GLY A 162 -21.94 -0.54 11.20
N LYS A 163 -21.34 -0.83 10.05
CA LYS A 163 -21.93 -1.76 9.10
C LYS A 163 -21.44 -3.18 9.37
N LYS A 164 -22.17 -4.14 8.82
CA LYS A 164 -21.80 -5.55 8.95
C LYS A 164 -20.78 -5.88 7.89
N ILE A 165 -19.61 -6.35 8.32
CA ILE A 165 -18.49 -6.59 7.43
C ILE A 165 -18.29 -8.10 7.34
N ILE A 166 -18.41 -8.64 6.13
CA ILE A 166 -18.20 -10.06 5.88
C ILE A 166 -16.78 -10.24 5.38
N PRO A 167 -15.85 -10.74 6.20
CA PRO A 167 -14.44 -10.85 5.75
C PRO A 167 -14.23 -11.94 4.70
N VAL A 168 -13.37 -11.62 3.73
CA VAL A 168 -12.82 -12.60 2.80
C VAL A 168 -11.30 -12.39 2.74
N PRO A 169 -10.48 -13.44 2.98
CA PRO A 169 -10.85 -14.75 3.49
C PRO A 169 -11.14 -14.62 4.99
N SER A 170 -11.06 -15.71 5.75
CA SER A 170 -11.40 -15.62 7.16
C SER A 170 -10.29 -14.98 8.00
N LYS A 171 -9.03 -15.15 7.60
CA LYS A 171 -7.90 -14.82 8.48
C LYS A 171 -6.87 -13.94 7.77
N GLY A 172 -7.27 -13.12 6.82
CA GLY A 172 -6.30 -12.32 6.10
C GLY A 172 -5.63 -11.31 7.02
N HIS A 173 -4.30 -11.20 6.89
CA HIS A 173 -3.58 -10.24 7.70
C HIS A 173 -2.19 -10.02 7.11
N CYS A 174 -1.54 -8.97 7.60
CA CYS A 174 -0.17 -8.62 7.23
C CYS A 174 0.77 -9.01 8.37
N TYR A 175 1.72 -9.92 8.09
CA TYR A 175 2.64 -10.37 9.15
C TYR A 175 3.49 -9.24 9.70
N VAL A 176 3.77 -8.22 8.89
CA VAL A 176 4.57 -7.08 9.36
C VAL A 176 3.85 -6.38 10.49
N HIS A 177 2.58 -6.01 10.26
CA HIS A 177 1.81 -5.27 11.25
C HIS A 177 1.33 -6.13 12.39
N GLN A 178 1.19 -7.44 12.18
CA GLN A 178 0.90 -8.34 13.29
C GLN A 178 2.05 -8.43 14.30
N LYS A 179 3.24 -7.94 13.97
CA LYS A 179 4.34 -7.97 14.94
C LYS A 179 4.11 -7.03 16.11
N PHE A 180 3.24 -6.03 15.98
CA PHE A 180 3.08 -5.04 17.03
C PHE A 180 2.14 -5.56 18.12
N THR A 181 2.58 -5.40 19.37
CA THR A 181 1.82 -5.87 20.53
C THR A 181 1.60 -4.74 21.51
N LEU A 182 0.75 -5.01 22.52
CA LEU A 182 0.57 -4.05 23.61
C LEU A 182 1.86 -3.78 24.35
N ASP A 183 2.76 -4.77 24.41
CA ASP A 183 4.06 -4.53 25.03
C ASP A 183 4.86 -3.49 24.26
N ASP A 184 4.76 -3.49 22.93
CA ASP A 184 5.43 -2.46 22.14
C ASP A 184 4.85 -1.08 22.44
N VAL A 185 3.55 -1.01 22.67
CA VAL A 185 2.93 0.27 23.06
C VAL A 185 3.46 0.73 24.40
N GLU A 186 3.52 -0.18 25.38
N GLU A 186 3.52 -0.18 25.38
CA GLU A 186 4.01 0.19 26.70
CA GLU A 186 3.99 0.18 26.70
C GLU A 186 5.47 0.64 26.63
C GLU A 186 5.45 0.61 26.68
N ARG A 187 6.29 -0.10 25.87
N ARG A 187 6.29 -0.10 25.92
CA ARG A 187 7.70 0.25 25.77
CA ARG A 187 7.70 0.29 25.83
C ARG A 187 7.90 1.61 25.11
C ARG A 187 7.84 1.66 25.16
N ALA A 188 7.14 1.88 24.04
CA ALA A 188 7.26 3.15 23.34
C ALA A 188 6.86 4.31 24.23
N LYS A 189 5.78 4.15 24.99
N LYS A 189 5.80 4.13 25.02
CA LYS A 189 5.32 5.24 25.84
CA LYS A 189 5.35 5.21 25.90
C LYS A 189 6.28 5.49 27.00
C LYS A 189 6.34 5.45 27.03
N LYS A 190 6.93 4.44 27.51
N LYS A 190 6.94 4.39 27.56
CA LYS A 190 7.91 4.63 28.57
CA LYS A 190 7.95 4.57 28.60
C LYS A 190 9.17 5.32 28.05
C LYS A 190 9.18 5.30 28.07
N LEU A 191 9.63 4.92 26.86
CA LEU A 191 10.85 5.51 26.32
C LEU A 191 10.61 6.91 25.78
N HIS A 192 9.41 7.18 25.29
CA HIS A 192 9.09 8.44 24.63
C HIS A 192 7.78 8.98 25.19
N PRO A 193 7.77 9.38 26.46
CA PRO A 193 6.49 9.74 27.10
C PRO A 193 5.81 10.96 26.53
N ASN A 194 6.52 11.81 25.80
CA ASN A 194 5.88 12.96 25.19
C ASN A 194 5.42 12.70 23.77
N ALA A 195 5.73 11.54 23.21
CA ALA A 195 5.36 11.25 21.84
C ALA A 195 3.91 10.78 21.74
N LYS A 196 3.31 11.04 20.60
CA LYS A 196 2.03 10.44 20.26
C LYS A 196 2.25 9.26 19.33
N LEU A 197 1.23 8.39 19.22
CA LEU A 197 1.37 7.12 18.51
C LEU A 197 0.58 7.17 17.20
N MET A 198 1.27 6.94 16.08
CA MET A 198 0.67 6.75 14.76
C MET A 198 0.58 5.26 14.53
N ILE A 199 -0.63 4.74 14.31
CA ILE A 199 -0.85 3.30 14.22
C ILE A 199 -1.58 2.95 12.93
N HIS A 200 -1.02 1.99 12.17
CA HIS A 200 -1.63 1.56 10.93
C HIS A 200 -2.84 0.67 11.24
N PRO A 201 -3.94 0.77 10.48
CA PRO A 201 -5.10 -0.09 10.76
C PRO A 201 -4.89 -1.55 10.43
N GLU A 202 -3.75 -1.93 9.83
CA GLU A 202 -3.43 -3.35 9.71
C GLU A 202 -2.89 -3.94 11.01
N CYS A 203 -2.66 -3.12 12.03
CA CYS A 203 -2.31 -3.64 13.35
C CYS A 203 -3.54 -4.26 14.02
N ILE A 204 -3.29 -5.13 15.01
CA ILE A 204 -4.40 -5.82 15.68
C ILE A 204 -5.30 -4.84 16.43
N PRO A 205 -6.58 -5.17 16.64
CA PRO A 205 -7.50 -4.20 17.26
C PRO A 205 -7.02 -3.66 18.60
N GLU A 206 -6.46 -4.49 19.49
CA GLU A 206 -6.08 -3.96 20.80
C GLU A 206 -4.95 -2.97 20.69
N VAL A 207 -4.12 -3.07 19.65
CA VAL A 207 -3.08 -2.07 19.42
C VAL A 207 -3.70 -0.81 18.80
N GLN A 208 -4.60 -0.98 17.82
CA GLN A 208 -5.33 0.18 17.28
C GLN A 208 -5.93 1.02 18.39
N GLU A 209 -6.48 0.38 19.43
CA GLU A 209 -7.16 1.10 20.49
C GLU A 209 -6.24 2.00 21.29
N LYS A 210 -4.93 1.81 21.17
CA LYS A 210 -3.97 2.65 21.88
C LYS A 210 -3.51 3.84 21.05
N ALA A 211 -3.96 3.96 19.81
CA ALA A 211 -3.43 4.98 18.91
C ALA A 211 -3.87 6.38 19.30
N ASP A 212 -3.00 7.35 19.03
CA ASP A 212 -3.46 8.73 18.93
C ASP A 212 -4.08 9.00 17.57
N ILE A 213 -3.46 8.49 16.50
CA ILE A 213 -4.08 8.50 15.19
C ILE A 213 -3.98 7.12 14.56
N ILE A 214 -5.05 6.70 13.91
N ILE A 214 -5.07 6.69 13.93
CA ILE A 214 -5.07 5.50 13.07
CA ILE A 214 -5.12 5.53 13.06
C ILE A 214 -5.12 5.98 11.63
C ILE A 214 -5.09 6.06 11.62
N ALA A 215 -4.14 5.57 10.82
CA ALA A 215 -4.01 6.10 9.47
C ALA A 215 -3.17 5.18 8.62
N SER A 216 -3.41 5.25 7.30
CA SER A 216 -2.44 4.74 6.33
C SER A 216 -1.16 5.56 6.43
N THR A 217 -0.12 5.10 5.73
CA THR A 217 1.10 5.90 5.74
C THR A 217 0.85 7.29 5.16
N GLY A 218 -0.06 7.40 4.18
CA GLY A 218 -0.38 8.71 3.66
C GLY A 218 -1.05 9.59 4.70
N GLY A 219 -1.95 9.02 5.48
CA GLY A 219 -2.58 9.78 6.55
C GLY A 219 -1.61 10.14 7.66
N MET A 220 -0.65 9.27 7.95
CA MET A 220 0.39 9.59 8.91
C MET A 220 1.15 10.83 8.48
N ILE A 221 1.51 10.91 7.20
CA ILE A 221 2.19 12.08 6.67
C ILE A 221 1.30 13.30 6.75
N LYS A 222 0.02 13.16 6.39
CA LYS A 222 -0.86 14.31 6.40
C LYS A 222 -1.06 14.86 7.81
N ARG A 223 -1.11 13.99 8.82
CA ARG A 223 -1.44 14.41 10.17
C ARG A 223 -0.23 14.60 11.08
N ALA A 224 0.99 14.39 10.58
CA ALA A 224 2.17 14.55 11.40
C ALA A 224 2.32 15.96 11.92
N CYS A 225 1.73 16.95 11.24
CA CYS A 225 1.78 18.32 11.73
C CYS A 225 1.10 18.51 13.07
N GLU A 226 0.30 17.55 13.53
CA GLU A 226 -0.47 17.73 14.76
C GLU A 226 0.36 17.58 16.02
N TRP A 227 1.61 17.11 15.92
CA TRP A 227 2.45 16.97 17.11
C TRP A 227 3.90 16.96 16.65
N ASP A 228 4.82 17.12 17.60
CA ASP A 228 6.23 17.23 17.25
C ASP A 228 7.02 15.94 17.43
N GLU A 229 6.40 14.89 17.97
N GLU A 229 6.46 14.93 18.10
CA GLU A 229 7.13 13.69 18.37
CA GLU A 229 7.16 13.68 18.35
C GLU A 229 6.21 12.48 18.21
C GLU A 229 6.17 12.53 18.14
N TRP A 230 6.61 11.50 17.41
CA TRP A 230 5.73 10.39 17.07
C TRP A 230 6.44 9.06 17.13
N VAL A 231 5.76 8.05 17.68
CA VAL A 231 6.18 6.65 17.55
C VAL A 231 5.37 6.03 16.42
N VAL A 232 6.04 5.32 15.52
CA VAL A 232 5.49 4.93 14.23
C VAL A 232 5.23 3.42 14.22
N PHE A 233 3.96 3.03 14.30
CA PHE A 233 3.56 1.62 14.29
C PHE A 233 3.22 1.20 12.86
N THR A 234 4.25 1.14 12.03
CA THR A 234 4.15 0.55 10.71
C THR A 234 5.54 0.07 10.30
N GLU A 235 5.66 -0.40 9.05
CA GLU A 235 6.93 -0.92 8.55
C GLU A 235 8.03 0.13 8.75
N ARG A 236 9.21 -0.32 9.19
CA ARG A 236 10.16 0.62 9.78
C ARG A 236 10.74 1.64 8.79
N GLU A 237 10.70 1.38 7.48
CA GLU A 237 11.24 2.38 6.54
C GLU A 237 10.38 3.64 6.51
N MET A 238 9.14 3.57 7.00
CA MET A 238 8.33 4.77 7.12
C MET A 238 9.00 5.82 8.01
N VAL A 239 9.80 5.40 8.98
CA VAL A 239 10.50 6.36 9.83
C VAL A 239 11.43 7.24 9.00
N TYR A 240 12.14 6.65 8.04
CA TYR A 240 12.99 7.45 7.15
C TYR A 240 12.17 8.46 6.37
N ARG A 241 11.04 8.01 5.80
CA ARG A 241 10.19 8.90 5.03
C ARG A 241 9.74 10.09 5.86
N LEU A 242 9.27 9.83 7.09
CA LEU A 242 8.78 10.91 7.95
C LEU A 242 9.90 11.86 8.33
N ARG A 243 11.10 11.32 8.62
CA ARG A 243 12.22 12.18 9.00
C ARG A 243 12.65 13.07 7.85
N LYS A 244 12.58 12.56 6.61
CA LYS A 244 12.95 13.37 5.45
C LYS A 244 11.93 14.49 5.24
N LEU A 245 10.65 14.18 5.42
CA LEU A 245 9.62 15.19 5.18
C LEU A 245 9.62 16.24 6.26
N TYR A 246 9.84 15.85 7.52
CA TYR A 246 9.74 16.75 8.66
C TYR A 246 11.02 16.66 9.49
N PRO A 247 12.12 17.25 9.01
CA PRO A 247 13.39 17.14 9.76
C PRO A 247 13.34 17.75 11.14
N GLN A 248 12.38 18.64 11.41
CA GLN A 248 12.31 19.33 12.70
C GLN A 248 11.55 18.53 13.75
N LYS A 249 10.86 17.46 13.36
CA LYS A 249 10.13 16.62 14.30
C LYS A 249 10.99 15.45 14.73
N LYS A 250 10.48 14.66 15.67
CA LYS A 250 11.14 13.43 16.08
C LYS A 250 10.24 12.25 15.78
N PHE A 251 10.82 11.21 15.19
CA PHE A 251 10.10 9.98 14.89
C PHE A 251 10.91 8.80 15.39
N TYR A 252 10.21 7.82 15.97
CA TYR A 252 10.84 6.63 16.50
C TYR A 252 10.10 5.42 15.97
N PRO A 253 10.81 4.38 15.54
CA PRO A 253 10.11 3.15 15.15
C PRO A 253 9.49 2.49 16.38
N ALA A 254 8.28 1.98 16.21
CA ALA A 254 7.71 1.15 17.27
C ALA A 254 8.47 -0.15 17.40
N ARG A 255 8.88 -0.72 16.26
N ARG A 255 8.89 -0.72 16.26
CA ARG A 255 9.73 -1.92 16.21
CA ARG A 255 9.75 -1.90 16.24
C ARG A 255 10.64 -1.78 15.01
C ARG A 255 10.65 -1.80 15.01
N GLU A 256 11.96 -1.81 15.23
CA GLU A 256 12.89 -1.85 14.11
C GLU A 256 12.71 -3.09 13.25
N ASP A 257 12.25 -4.21 13.84
CA ASP A 257 12.15 -5.47 13.12
C ASP A 257 10.85 -5.64 12.34
N ALA A 258 10.04 -4.59 12.22
CA ALA A 258 8.83 -4.63 11.40
C ALA A 258 9.24 -4.35 9.95
N PHE A 259 9.67 -5.40 9.24
N PHE A 259 9.49 -5.42 9.19
CA PHE A 259 10.13 -5.26 7.87
CA PHE A 259 10.16 -5.37 7.91
C PHE A 259 9.29 -6.11 6.93
C PHE A 259 9.38 -6.18 6.88
N CYS A 260 9.04 -5.56 5.74
CA CYS A 260 8.33 -6.27 4.68
C CYS A 260 9.36 -6.83 3.69
N ILE A 261 9.50 -8.16 3.67
CA ILE A 261 10.45 -8.80 2.76
C ILE A 261 10.13 -8.47 1.32
N GLY A 262 8.84 -8.45 0.96
CA GLY A 262 8.48 -8.18 -0.43
C GLY A 262 8.89 -6.79 -0.89
N MET A 263 8.65 -5.78 -0.05
CA MET A 263 9.08 -4.44 -0.38
C MET A 263 10.59 -4.39 -0.60
N LYS A 264 11.34 -5.09 0.23
CA LYS A 264 12.80 -5.05 0.14
C LYS A 264 13.36 -5.99 -0.92
N ALA A 265 12.51 -6.61 -1.74
CA ALA A 265 13.00 -7.24 -2.95
C ALA A 265 13.47 -6.21 -3.97
N ILE A 266 13.03 -4.96 -3.82
CA ILE A 266 13.43 -3.88 -4.72
C ILE A 266 14.73 -3.29 -4.20
N THR A 267 15.72 -3.16 -5.10
CA THR A 267 17.02 -2.63 -4.74
C THR A 267 17.41 -1.55 -5.75
N LEU A 268 18.40 -0.76 -5.38
CA LEU A 268 18.92 0.20 -6.34
C LEU A 268 19.43 -0.51 -7.59
N LYS A 269 20.13 -1.63 -7.40
CA LYS A 269 20.69 -2.35 -8.54
C LYS A 269 19.59 -2.86 -9.47
N ASN A 270 18.52 -3.44 -8.91
CA ASN A 270 17.51 -3.98 -9.82
C ASN A 270 16.61 -2.91 -10.42
N ILE A 271 16.54 -1.72 -9.83
CA ILE A 271 15.93 -0.57 -10.52
C ILE A 271 16.77 -0.18 -11.73
N TYR A 272 18.09 -0.10 -11.55
CA TYR A 272 18.98 0.12 -12.68
C TYR A 272 18.75 -0.93 -13.76
N GLU A 273 18.75 -2.21 -13.37
CA GLU A 273 18.59 -3.26 -14.37
C GLU A 273 17.20 -3.23 -15.01
N SER A 274 16.19 -2.78 -14.27
N SER A 274 16.17 -2.81 -14.26
CA SER A 274 14.84 -2.68 -14.81
CA SER A 274 14.85 -2.67 -14.84
C SER A 274 14.80 -1.68 -15.97
C SER A 274 14.86 -1.70 -16.00
N LEU A 275 15.40 -0.51 -15.77
CA LEU A 275 15.48 0.49 -16.83
C LEU A 275 16.38 0.03 -17.96
N LYS A 276 17.53 -0.57 -17.63
CA LYS A 276 18.47 -0.99 -18.66
C LYS A 276 17.84 -2.03 -19.57
N ASP A 277 17.15 -3.01 -19.00
CA ASP A 277 16.68 -4.18 -19.72
C ASP A 277 15.20 -4.09 -20.07
N MET A 278 14.50 -3.05 -19.63
CA MET A 278 13.04 -2.95 -19.79
C MET A 278 12.31 -4.18 -19.22
N LYS A 279 12.62 -4.50 -17.96
N LYS A 279 12.59 -4.49 -17.96
CA LYS A 279 12.03 -5.67 -17.29
CA LYS A 279 12.01 -5.66 -17.30
C LYS A 279 11.68 -5.30 -15.86
C LYS A 279 11.68 -5.30 -15.86
N TYR A 280 10.81 -6.06 -15.19
CA TYR A 280 9.95 -7.09 -15.78
C TYR A 280 8.64 -6.46 -16.17
N LYS A 281 8.24 -6.66 -17.43
CA LYS A 281 7.03 -6.03 -17.95
C LYS A 281 5.81 -6.62 -17.28
N VAL A 282 5.01 -5.76 -16.66
CA VAL A 282 3.78 -6.14 -15.97
C VAL A 282 2.64 -6.15 -16.98
N GLU A 283 1.93 -7.27 -17.05
CA GLU A 283 0.81 -7.42 -17.96
C GLU A 283 -0.39 -7.92 -17.17
N VAL A 284 -1.59 -7.45 -17.55
CA VAL A 284 -2.82 -7.90 -16.92
C VAL A 284 -3.78 -8.25 -18.05
N PRO A 285 -4.33 -9.47 -18.08
CA PRO A 285 -5.24 -9.84 -19.17
C PRO A 285 -6.41 -8.87 -19.27
N GLU A 286 -6.82 -8.61 -20.51
CA GLU A 286 -7.74 -7.51 -20.81
C GLU A 286 -9.06 -7.63 -20.05
N GLU A 287 -9.64 -8.83 -19.97
CA GLU A 287 -10.94 -8.96 -19.33
C GLU A 287 -10.85 -8.65 -17.84
N ILE A 288 -9.83 -9.19 -17.18
CA ILE A 288 -9.58 -8.87 -15.77
C ILE A 288 -9.29 -7.38 -15.60
N ALA A 289 -8.44 -6.83 -16.46
CA ALA A 289 -8.03 -5.44 -16.31
C ALA A 289 -9.20 -4.48 -16.43
N ARG A 290 -10.09 -4.72 -17.39
N ARG A 290 -10.09 -4.71 -17.40
CA ARG A 290 -11.24 -3.83 -17.58
CA ARG A 290 -11.23 -3.82 -17.57
C ARG A 290 -12.18 -3.87 -16.38
C ARG A 290 -12.15 -3.86 -16.35
N LYS A 291 -12.41 -5.05 -15.82
CA LYS A 291 -13.27 -5.16 -14.65
C LYS A 291 -12.62 -4.53 -13.43
N ALA A 292 -11.33 -4.80 -13.22
CA ALA A 292 -10.62 -4.17 -12.11
C ALA A 292 -10.60 -2.65 -12.27
N ARG A 293 -10.43 -2.16 -13.50
N ARG A 293 -10.41 -2.17 -13.50
CA ARG A 293 -10.36 -0.71 -13.70
CA ARG A 293 -10.37 -0.73 -13.75
C ARG A 293 -11.67 -0.05 -13.31
C ARG A 293 -11.66 -0.06 -13.30
N LYS A 294 -12.80 -0.69 -13.58
CA LYS A 294 -14.08 -0.12 -13.18
C LYS A 294 -14.14 0.06 -11.67
N ALA A 295 -13.66 -0.93 -10.91
CA ALA A 295 -13.67 -0.86 -9.45
C ALA A 295 -12.71 0.19 -8.93
N ILE A 296 -11.53 0.32 -9.55
CA ILE A 296 -10.52 1.30 -9.11
C ILE A 296 -10.97 2.71 -9.44
N GLU A 297 -11.53 2.91 -10.63
N GLU A 297 -11.51 2.92 -10.64
CA GLU A 297 -12.02 4.25 -10.98
CA GLU A 297 -12.04 4.23 -11.01
C GLU A 297 -13.21 4.67 -10.12
C GLU A 297 -13.16 4.65 -10.06
N ARG A 298 -14.05 3.71 -9.72
CA ARG A 298 -15.10 4.02 -8.78
C ARG A 298 -14.52 4.45 -7.44
N MET A 299 -13.49 3.76 -6.96
CA MET A 299 -12.81 4.16 -5.73
C MET A 299 -12.32 5.59 -5.82
N LEU A 300 -11.66 5.94 -6.93
CA LEU A 300 -11.12 7.29 -7.07
C LEU A 300 -12.22 8.33 -7.12
N GLU A 301 -13.37 7.99 -7.71
CA GLU A 301 -14.51 8.90 -7.74
C GLU A 301 -15.08 9.10 -6.34
N MET A 302 -15.09 8.05 -5.51
CA MET A 302 -15.68 8.11 -4.18
C MET A 302 -14.73 8.66 -3.12
N SER A 303 -13.46 8.89 -3.48
N SER A 303 -13.46 8.89 -3.47
CA SER A 303 -12.44 9.32 -2.52
CA SER A 303 -12.47 9.34 -2.47
C SER A 303 -11.51 10.28 -3.22
C SER A 303 -11.49 10.27 -3.16
N LYS A 304 -11.63 11.57 -2.90
CA LYS A 304 -10.75 12.58 -3.47
C LYS A 304 -9.59 12.91 -2.54
FE1 SF4 B . 1.76 -6.73 2.07
FE2 SF4 B . 4.26 -6.04 2.87
FE3 SF4 B . 2.20 -6.18 4.68
FE4 SF4 B . 2.19 -4.25 2.76
S1 SF4 B . 3.71 -4.51 4.47
S2 SF4 B . 0.40 -5.53 3.46
S3 SF4 B . 3.18 -5.37 0.99
S4 SF4 B . 3.07 -7.94 3.49
C1 MAE C . -2.42 1.43 2.00
O1 MAE C . -2.17 2.61 1.81
O2 MAE C . -3.68 0.99 1.94
C2 MAE C . -1.37 0.43 2.30
C3 MAE C . -0.25 0.76 2.97
C4 MAE C . 0.04 2.13 3.43
O3 MAE C . 0.93 2.80 2.69
O4 MAE C . -0.46 2.64 4.41
CL CL D . 4.59 11.46 -15.20
CL CL E . 6.69 21.29 7.88
CL CL F . 1.57 -2.21 1.96
N NH4 G . -31.21 2.61 -1.90
#